data_5T36
#
_entry.id   5T36
#
_cell.length_a   77.009
_cell.length_b   77.009
_cell.length_c   123.240
_cell.angle_alpha   90.00
_cell.angle_beta   90.00
_cell.angle_gamma   120.00
#
_symmetry.space_group_name_H-M   'H 3'
#
loop_
_entity.id
_entity.type
_entity.pdbx_description
1 polymer 'Prostaglandin E synthase'
2 non-polymer '4-chloro-2-[({(1S,2S)-2-[(2,2-dimethylpropanoyl)amino]cyclopentyl}methyl)amino]benzoic acid'
3 non-polymer GLUTATHIONE
4 non-polymer 'octyl beta-D-glucopyranoside'
5 non-polymer 'TETRAETHYLENE GLYCOL'
6 water water
#
_entity_poly.entity_id   1
_entity_poly.type   'polypeptide(L)'
_entity_poly.pdbx_seq_one_letter_code
;MALPAHSLVMSSPALPAFLLCSTLLVIKMYVVAIITGQVRLRKKAFANPEDALRHGGPQYCRSDPDVERCLRAHRNDMET
IYPFLFLGFVYSFLGPNPFVAWMHFLVFLVGRVAHTVAYLGKLRAPIRSVTYTLAQLPCASMALQILWEAARHL
;
_entity_poly.pdbx_strand_id   A
#
# COMPACT_ATOMS: atom_id res chain seq x y z
N LEU A 8 19.97 -10.57 9.84
CA LEU A 8 20.47 -9.18 10.00
C LEU A 8 20.15 -8.33 8.76
N VAL A 9 20.03 -7.03 8.96
CA VAL A 9 19.64 -6.08 7.91
C VAL A 9 20.67 -5.96 6.78
N MET A 10 21.93 -6.28 7.09
CA MET A 10 23.02 -6.20 6.11
C MET A 10 23.28 -7.53 5.38
N SER A 11 22.27 -8.40 5.34
CA SER A 11 22.36 -9.68 4.64
C SER A 11 22.51 -9.50 3.12
N SER A 12 22.01 -8.36 2.62
CA SER A 12 22.18 -7.97 1.22
C SER A 12 22.19 -6.45 1.14
N PRO A 13 22.94 -5.87 0.17
CA PRO A 13 23.08 -4.42 0.02
C PRO A 13 21.76 -3.66 -0.17
N ALA A 14 20.77 -4.33 -0.77
CA ALA A 14 19.48 -3.69 -1.07
C ALA A 14 18.47 -3.78 0.07
N LEU A 15 18.73 -4.65 1.04
CA LEU A 15 17.77 -4.94 2.12
C LEU A 15 17.39 -3.74 3.01
N PRO A 16 18.37 -2.92 3.46
CA PRO A 16 18.00 -1.77 4.29
C PRO A 16 17.00 -0.83 3.60
N ALA A 17 17.23 -0.54 2.32
CA ALA A 17 16.34 0.32 1.53
C ALA A 17 14.95 -0.29 1.40
N PHE A 18 14.89 -1.61 1.17
CA PHE A 18 13.61 -2.30 1.09
C PHE A 18 12.86 -2.22 2.41
N LEU A 19 13.55 -2.49 3.51
CA LEU A 19 12.93 -2.49 4.84
C LEU A 19 12.42 -1.11 5.25
N LEU A 20 13.16 -0.07 4.87
CA LEU A 20 12.74 1.31 5.12
C LEU A 20 11.44 1.63 4.38
N CYS A 21 11.43 1.38 3.07
CA CYS A 21 10.27 1.69 2.23
C CYS A 21 9.04 0.88 2.60
N SER A 22 9.24 -0.42 2.85
CA SER A 22 8.14 -1.32 3.20
C SER A 22 7.50 -0.96 4.53
N THR A 23 8.33 -0.67 5.53
CA THR A 23 7.83 -0.34 6.87
C THR A 23 7.10 1.00 6.87
N LEU A 24 7.62 1.97 6.11
CA LEU A 24 6.93 3.25 5.92
C LEU A 24 5.55 3.05 5.31
N LEU A 25 5.46 2.13 4.34
CA LEU A 25 4.19 1.83 3.68
C LEU A 25 3.21 1.10 4.58
N VAL A 26 3.71 0.23 5.45
CA VAL A 26 2.89 -0.43 6.46
C VAL A 26 2.33 0.62 7.44
N ILE A 27 3.18 1.53 7.89
CA ILE A 27 2.75 2.64 8.73
C ILE A 27 1.70 3.51 8.02
N LYS A 28 1.92 3.75 6.72
CA LYS A 28 0.97 4.50 5.90
C LYS A 28 -0.40 3.82 5.85
N MET A 29 -0.42 2.49 5.83
CA MET A 29 -1.67 1.73 5.87
C MET A 29 -2.34 1.86 7.23
N TYR A 30 -1.53 1.85 8.30
CA TYR A 30 -2.04 2.06 9.65
C TYR A 30 -2.69 3.44 9.79
N VAL A 31 -2.10 4.43 9.12
CA VAL A 31 -2.64 5.79 9.10
C VAL A 31 -4.01 5.82 8.42
N VAL A 32 -4.14 5.10 7.31
CA VAL A 32 -5.42 4.97 6.61
C VAL A 32 -6.49 4.34 7.51
N ALA A 33 -6.10 3.32 8.27
CA ALA A 33 -7.00 2.67 9.23
C ALA A 33 -7.49 3.66 10.30
N ILE A 34 -6.56 4.45 10.84
CA ILE A 34 -6.89 5.47 11.84
C ILE A 34 -7.82 6.54 11.27
N ILE A 35 -7.50 7.02 10.06
CA ILE A 35 -8.35 7.99 9.36
C ILE A 35 -9.76 7.44 9.17
N THR A 36 -9.87 6.18 8.75
CA THR A 36 -11.17 5.52 8.57
C THR A 36 -12.01 5.57 9.84
N GLY A 37 -11.41 5.21 10.97
CA GLY A 37 -12.07 5.25 12.27
C GLY A 37 -12.53 6.64 12.65
N GLN A 38 -11.68 7.63 12.41
CA GLN A 38 -11.97 9.04 12.70
CA GLN A 38 -12.00 9.02 12.73
C GLN A 38 -13.12 9.57 11.86
N VAL A 39 -13.15 9.16 10.59
CA VAL A 39 -14.22 9.55 9.67
C VAL A 39 -15.54 8.92 10.09
N ARG A 40 -15.50 7.65 10.51
CA ARG A 40 -16.68 6.96 11.05
C ARG A 40 -17.29 7.70 12.22
N LEU A 41 -16.44 8.17 13.14
CA LEU A 41 -16.88 8.92 14.31
C LEU A 41 -17.43 10.30 13.95
N ARG A 42 -16.73 11.01 13.07
CA ARG A 42 -17.10 12.36 12.65
C ARG A 42 -18.40 12.39 11.85
N LYS A 43 -18.54 11.45 10.92
CA LYS A 43 -19.72 11.36 10.06
C LYS A 43 -20.83 10.51 10.69
N LYS A 44 -20.53 9.93 11.85
CA LYS A 44 -21.45 9.04 12.58
C LYS A 44 -21.99 7.92 11.68
N ALA A 45 -21.06 7.19 11.07
CA ALA A 45 -21.41 6.11 10.15
C ALA A 45 -20.64 4.84 10.52
N PHE A 46 -21.35 3.93 11.19
CA PHE A 46 -20.75 2.73 11.73
C PHE A 46 -21.28 1.50 11.00
N ALA A 47 -20.44 0.47 10.93
CA ALA A 47 -20.79 -0.76 10.23
C ALA A 47 -21.51 -1.75 11.13
N ASN A 48 -21.47 -1.51 12.44
CA ASN A 48 -22.00 -2.42 13.44
C ASN A 48 -23.03 -1.76 14.36
N PRO A 49 -24.15 -2.45 14.62
CA PRO A 49 -25.18 -1.92 15.53
C PRO A 49 -24.65 -1.62 16.93
N GLU A 50 -23.72 -2.44 17.42
CA GLU A 50 -23.14 -2.22 18.76
C GLU A 50 -22.32 -0.93 18.84
N ASP A 51 -21.66 -0.59 17.73
CA ASP A 51 -20.91 0.66 17.62
C ASP A 51 -21.88 1.85 17.61
N ALA A 52 -22.93 1.74 16.79
CA ALA A 52 -23.91 2.80 16.61
C ALA A 52 -24.66 3.16 17.89
N LEU A 53 -25.05 2.13 18.65
CA LEU A 53 -25.78 2.34 19.91
C LEU A 53 -24.94 3.05 20.97
N ARG A 54 -23.63 2.87 20.90
CA ARG A 54 -22.69 3.54 21.80
C ARG A 54 -22.50 5.02 21.39
N HIS A 55 -22.67 5.31 20.11
CA HIS A 55 -22.37 6.64 19.58
C HIS A 55 -23.58 7.38 18.99
N GLY A 56 -24.74 7.28 19.64
CA GLY A 56 -25.89 8.10 19.27
C GLY A 56 -27.20 7.38 19.04
N GLY A 57 -27.14 6.13 18.62
CA GLY A 57 -28.34 5.34 18.35
C GLY A 57 -28.25 4.48 17.10
N PRO A 58 -29.27 3.62 16.87
CA PRO A 58 -29.28 2.62 15.80
C PRO A 58 -29.28 3.21 14.39
N GLN A 59 -29.75 4.46 14.25
CA GLN A 59 -29.79 5.15 12.97
C GLN A 59 -28.39 5.44 12.41
N TYR A 60 -27.38 5.36 13.27
CA TYR A 60 -26.00 5.63 12.87
C TYR A 60 -25.24 4.40 12.38
N CYS A 61 -25.92 3.25 12.37
CA CYS A 61 -25.42 2.07 11.66
C CYS A 61 -25.82 2.24 10.20
N ARG A 62 -24.93 2.88 9.45
CA ARG A 62 -25.22 3.32 8.09
C ARG A 62 -23.94 3.46 7.27
N SER A 63 -24.08 3.47 5.96
CA SER A 63 -22.96 3.71 5.06
C SER A 63 -22.74 5.21 4.87
N ASP A 64 -21.51 5.57 4.52
CA ASP A 64 -21.14 6.96 4.24
C ASP A 64 -20.14 6.97 3.07
N PRO A 65 -20.32 7.89 2.11
CA PRO A 65 -19.42 7.94 0.94
C PRO A 65 -17.94 8.11 1.30
N ASP A 66 -17.65 8.95 2.30
CA ASP A 66 -16.27 9.19 2.73
C ASP A 66 -15.67 7.95 3.41
N VAL A 67 -16.46 7.28 4.24
CA VAL A 67 -16.03 6.02 4.87
C VAL A 67 -15.74 4.96 3.80
N GLU A 68 -16.65 4.83 2.84
CA GLU A 68 -16.49 3.88 1.74
C GLU A 68 -15.22 4.18 0.92
N ARG A 69 -14.94 5.46 0.70
CA ARG A 69 -13.73 5.90 0.01
C ARG A 69 -12.47 5.48 0.78
N CYS A 70 -12.47 5.69 2.09
CA CYS A 70 -11.38 5.25 2.96
C CYS A 70 -11.15 3.75 2.86
N LEU A 71 -12.24 2.99 2.88
CA LEU A 71 -12.18 1.53 2.76
C LEU A 71 -11.61 1.09 1.40
N ARG A 72 -11.98 1.79 0.34
CA ARG A 72 -11.45 1.50 -1.00
C ARG A 72 -9.94 1.75 -1.10
N ALA A 73 -9.48 2.84 -0.50
CA ALA A 73 -8.05 3.16 -0.47
C ALA A 73 -7.29 2.10 0.31
N HIS A 74 -7.84 1.71 1.46
CA HIS A 74 -7.24 0.66 2.28
C HIS A 74 -7.19 -0.67 1.54
N ARG A 75 -8.29 -1.01 0.85
CA ARG A 75 -8.33 -2.26 0.10
CA ARG A 75 -8.36 -2.25 0.09
C ARG A 75 -7.33 -2.25 -1.05
N ASN A 76 -7.24 -1.13 -1.76
CA ASN A 76 -6.27 -1.03 -2.85
C ASN A 76 -4.84 -1.18 -2.34
N ASP A 77 -4.57 -0.62 -1.16
CA ASP A 77 -3.30 -0.85 -0.46
C ASP A 77 -3.03 -2.34 -0.25
N MET A 78 -4.05 -3.07 0.21
CA MET A 78 -3.92 -4.51 0.43
C MET A 78 -3.68 -5.28 -0.88
N GLU A 79 -4.26 -4.77 -1.96
CA GLU A 79 -4.11 -5.37 -3.29
C GLU A 79 -2.74 -5.14 -3.91
N THR A 80 -1.98 -4.19 -3.37
CA THR A 80 -0.73 -3.75 -3.99
C THR A 80 0.50 -3.77 -3.07
N ILE A 81 0.34 -3.23 -1.86
CA ILE A 81 1.45 -3.15 -0.90
C ILE A 81 1.83 -4.53 -0.37
N TYR A 82 0.84 -5.37 -0.08
CA TYR A 82 1.12 -6.72 0.42
C TYR A 82 1.96 -7.56 -0.57
N PRO A 83 1.60 -7.58 -1.87
CA PRO A 83 2.47 -8.24 -2.85
C PRO A 83 3.89 -7.67 -2.89
N PHE A 84 4.02 -6.35 -2.75
CA PHE A 84 5.33 -5.70 -2.72
C PHE A 84 6.19 -6.19 -1.54
N LEU A 85 5.55 -6.39 -0.38
CA LEU A 85 6.25 -6.89 0.81
C LEU A 85 6.92 -8.23 0.52
N PHE A 86 6.24 -9.07 -0.25
CA PHE A 86 6.79 -10.36 -0.66
C PHE A 86 7.84 -10.20 -1.77
N LEU A 87 7.46 -9.56 -2.87
CA LEU A 87 8.32 -9.42 -4.04
C LEU A 87 9.62 -8.68 -3.73
N GLY A 88 9.50 -7.55 -3.03
CA GLY A 88 10.66 -6.74 -2.67
C GLY A 88 11.64 -7.44 -1.75
N PHE A 89 11.12 -8.25 -0.83
CA PHE A 89 11.96 -9.02 0.09
C PHE A 89 12.80 -10.04 -0.67
N VAL A 90 12.15 -10.83 -1.50
CA VAL A 90 12.82 -11.84 -2.32
C VAL A 90 13.83 -11.18 -3.27
N TYR A 91 13.38 -10.10 -3.93
CA TYR A 91 14.19 -9.34 -4.87
C TYR A 91 15.49 -8.79 -4.24
N SER A 92 15.41 -8.40 -2.98
CA SER A 92 16.57 -7.90 -2.24
C SER A 92 17.70 -8.92 -2.14
N PHE A 93 17.36 -10.21 -2.19
CA PHE A 93 18.34 -11.29 -2.06
C PHE A 93 18.80 -11.88 -3.39
N LEU A 94 18.36 -11.28 -4.51
CA LEU A 94 18.75 -11.74 -5.84
C LEU A 94 20.02 -11.05 -6.34
N GLY A 95 20.61 -10.22 -5.49
CA GLY A 95 21.81 -9.45 -5.83
C GLY A 95 21.62 -8.45 -6.96
N PRO A 96 20.58 -7.59 -6.86
CA PRO A 96 20.40 -6.59 -7.90
C PRO A 96 21.35 -5.41 -7.69
N ASN A 97 21.53 -4.60 -8.74
CA ASN A 97 22.31 -3.37 -8.64
C ASN A 97 21.70 -2.47 -7.56
N PRO A 98 22.53 -2.04 -6.58
CA PRO A 98 22.05 -1.26 -5.43
C PRO A 98 21.20 -0.06 -5.83
N PHE A 99 21.68 0.72 -6.80
CA PHE A 99 20.95 1.90 -7.28
C PHE A 99 19.64 1.53 -7.98
N VAL A 100 19.69 0.49 -8.83
CA VAL A 100 18.51 0.00 -9.54
C VAL A 100 17.44 -0.50 -8.57
N ALA A 101 17.88 -1.25 -7.55
CA ALA A 101 16.98 -1.74 -6.50
C ALA A 101 16.35 -0.57 -5.72
N TRP A 102 17.18 0.41 -5.36
CA TRP A 102 16.71 1.63 -4.69
C TRP A 102 15.63 2.33 -5.49
N MET A 103 15.83 2.42 -6.82
CA MET A 103 14.86 3.07 -7.71
CA MET A 103 14.87 3.05 -7.72
C MET A 103 13.54 2.30 -7.75
N HIS A 104 13.61 0.98 -7.73
CA HIS A 104 12.41 0.13 -7.68
C HIS A 104 11.58 0.44 -6.43
N PHE A 105 12.25 0.47 -5.29
CA PHE A 105 11.59 0.70 -4.00
C PHE A 105 11.05 2.12 -3.86
N LEU A 106 11.83 3.10 -4.33
CA LEU A 106 11.45 4.51 -4.25
CA LEU A 106 11.44 4.51 -4.25
C LEU A 106 10.25 4.83 -5.14
N VAL A 107 10.24 4.28 -6.36
CA VAL A 107 9.12 4.48 -7.28
C VAL A 107 7.84 3.91 -6.69
N PHE A 108 7.93 2.74 -6.04
CA PHE A 108 6.77 2.17 -5.37
C PHE A 108 6.31 3.01 -4.18
N LEU A 109 7.26 3.43 -3.35
CA LEU A 109 6.97 4.25 -2.18
C LEU A 109 6.27 5.56 -2.58
N VAL A 110 6.88 6.30 -3.50
CA VAL A 110 6.33 7.57 -3.97
C VAL A 110 4.97 7.38 -4.66
N GLY A 111 4.90 6.38 -5.53
CA GLY A 111 3.66 6.04 -6.24
C GLY A 111 2.50 5.72 -5.30
N ARG A 112 2.77 4.93 -4.27
CA ARG A 112 1.73 4.53 -3.31
C ARG A 112 1.30 5.63 -2.36
N VAL A 113 2.24 6.45 -1.90
CA VAL A 113 1.91 7.61 -1.08
C VAL A 113 1.04 8.57 -1.90
N ALA A 114 1.45 8.81 -3.14
CA ALA A 114 0.68 9.65 -4.07
C ALA A 114 -0.71 9.08 -4.35
N HIS A 115 -0.81 7.75 -4.42
CA HIS A 115 -2.09 7.07 -4.62
C HIS A 115 -3.09 7.38 -3.51
N THR A 116 -2.63 7.28 -2.26
CA THR A 116 -3.47 7.55 -1.10
C THR A 116 -3.89 9.02 -1.04
N VAL A 117 -2.96 9.92 -1.36
CA VAL A 117 -3.25 11.35 -1.43
C VAL A 117 -4.29 11.63 -2.52
N ALA A 118 -4.10 11.02 -3.69
CA ALA A 118 -5.03 11.19 -4.82
C ALA A 118 -6.41 10.59 -4.53
N TYR A 119 -6.44 9.50 -3.78
CA TYR A 119 -7.70 8.82 -3.47
C TYR A 119 -8.49 9.57 -2.40
N LEU A 120 -7.87 9.77 -1.24
CA LEU A 120 -8.54 10.42 -0.11
C LEU A 120 -8.75 11.91 -0.34
N GLY A 121 -7.89 12.51 -1.16
CA GLY A 121 -8.00 13.93 -1.52
C GLY A 121 -8.94 14.20 -2.68
N LYS A 122 -9.50 13.13 -3.24
CA LYS A 122 -10.48 13.20 -4.33
C LYS A 122 -9.98 13.99 -5.55
N LEU A 123 -8.71 13.77 -5.91
CA LEU A 123 -8.10 14.45 -7.05
C LEU A 123 -8.69 13.94 -8.36
N ARG A 124 -8.71 14.81 -9.37
CA ARG A 124 -9.32 14.50 -10.66
C ARG A 124 -8.66 13.30 -11.35
N ALA A 125 -9.47 12.56 -12.11
CA ALA A 125 -8.96 11.47 -12.94
C ALA A 125 -8.14 12.05 -14.09
N PRO A 126 -7.10 11.31 -14.55
CA PRO A 126 -6.70 9.98 -14.11
C PRO A 126 -5.51 9.96 -13.13
N ILE A 127 -5.40 10.97 -12.27
CA ILE A 127 -4.25 11.08 -11.36
C ILE A 127 -4.05 9.81 -10.50
N ARG A 128 -5.09 9.36 -9.83
CA ARG A 128 -5.01 8.15 -9.00
C ARG A 128 -4.63 6.92 -9.82
N SER A 129 -5.28 6.76 -10.98
CA SER A 129 -5.00 5.63 -11.87
C SER A 129 -3.55 5.60 -12.34
N VAL A 130 -3.00 6.79 -12.62
CA VAL A 130 -1.60 6.92 -13.04
C VAL A 130 -0.64 6.52 -11.91
N THR A 131 -0.93 6.96 -10.69
CA THR A 131 -0.10 6.60 -9.53
C THR A 131 -0.12 5.10 -9.25
N TYR A 132 -1.28 4.48 -9.43
CA TYR A 132 -1.41 3.02 -9.32
C TYR A 132 -0.51 2.32 -10.33
N THR A 133 -0.62 2.73 -11.60
CA THR A 133 0.14 2.13 -12.68
C THR A 133 1.64 2.33 -12.52
N LEU A 134 2.05 3.54 -12.14
CA LEU A 134 3.45 3.86 -11.87
C LEU A 134 4.03 2.94 -10.81
N ALA A 135 3.30 2.74 -9.72
CA ALA A 135 3.75 1.90 -8.62
C ALA A 135 3.78 0.41 -8.99
N GLN A 136 2.90 -0.01 -9.89
CA GLN A 136 2.86 -1.41 -10.34
C GLN A 136 4.07 -1.78 -11.21
N LEU A 137 4.65 -0.79 -11.89
CA LEU A 137 5.78 -1.03 -12.79
C LEU A 137 6.99 -1.72 -12.13
N PRO A 138 7.50 -1.17 -11.00
CA PRO A 138 8.59 -1.89 -10.32
C PRO A 138 8.18 -3.25 -9.77
N CYS A 139 6.92 -3.42 -9.42
CA CYS A 139 6.40 -4.71 -8.95
C CYS A 139 6.42 -5.76 -10.06
N ALA A 140 5.98 -5.36 -11.26
CA ALA A 140 6.04 -6.24 -12.43
C ALA A 140 7.49 -6.60 -12.77
N SER A 141 8.37 -5.61 -12.70
CA SER A 141 9.79 -5.80 -12.95
C SER A 141 10.41 -6.81 -11.99
N MET A 142 10.14 -6.65 -10.70
CA MET A 142 10.67 -7.56 -9.68
C MET A 142 10.10 -8.97 -9.85
N ALA A 143 8.80 -9.06 -10.14
CA ALA A 143 8.13 -10.34 -10.35
C ALA A 143 8.78 -11.14 -11.46
N LEU A 144 9.03 -10.50 -12.60
CA LEU A 144 9.68 -11.16 -13.74
C LEU A 144 11.10 -11.60 -13.41
N GLN A 145 11.84 -10.76 -12.69
CA GLN A 145 13.22 -11.09 -12.29
C GLN A 145 13.25 -12.31 -11.35
N ILE A 146 12.31 -12.37 -10.42
CA ILE A 146 12.17 -13.51 -9.52
C ILE A 146 11.81 -14.78 -10.31
N LEU A 147 10.92 -14.64 -11.29
CA LEU A 147 10.50 -15.76 -12.13
CA LEU A 147 10.49 -15.75 -12.12
C LEU A 147 11.69 -16.40 -12.83
N TRP A 148 12.55 -15.58 -13.43
CA TRP A 148 13.72 -16.08 -14.15
C TRP A 148 14.71 -16.77 -13.22
N GLU A 149 14.95 -16.16 -12.07
CA GLU A 149 15.89 -16.70 -11.07
CA GLU A 149 15.90 -16.70 -11.08
C GLU A 149 15.38 -18.01 -10.49
N ALA A 150 14.09 -18.07 -10.20
CA ALA A 150 13.47 -19.29 -9.66
C ALA A 150 13.47 -20.42 -10.70
N ALA A 151 13.04 -20.09 -11.91
CA ALA A 151 12.95 -21.07 -13.01
C ALA A 151 14.30 -21.70 -13.36
N ARG A 152 15.36 -20.89 -13.34
CA ARG A 152 16.70 -21.36 -13.71
C ARG A 152 17.36 -22.20 -12.61
N HIS A 153 16.79 -22.15 -11.40
CA HIS A 153 17.30 -22.92 -10.26
C HIS A 153 16.51 -24.22 -10.02
N LEU A 154 15.56 -24.51 -10.90
CA LEU A 154 14.75 -25.73 -10.78
C LEU A 154 15.54 -26.97 -11.17
#